data_3IA5
#
_entry.id   3IA5
#
_cell.length_a   94.728
_cell.length_b   94.728
_cell.length_c   45.912
_cell.angle_alpha   90.00
_cell.angle_beta   90.00
_cell.angle_gamma   90.00
#
_symmetry.space_group_name_H-M   'P 41'
#
loop_
_entity.id
_entity.type
_entity.pdbx_description
1 polymer 'Dihydrofolate reductase'
2 non-polymer 'PHOSPHATE ION'
3 water water
#
_entity_poly.entity_id   1
_entity_poly.type   'polypeptide(L)'
_entity_poly.pdbx_seq_one_letter_code
;MIVSMIAALANNRVIGLDNKMPWHLPAELQLFKRATLGKPIVMGRNTFESIGRPLPGRLNIVLSRQTDYQPEGVTVVATL
EDAVVAAGDVEELMIIGGATIYNQCLAAADRLYLTHIELTTEGDTWFPDYEQYNWQEIEHESYAADDKNPHNYRFSLLER
VK
;
_entity_poly.pdbx_strand_id   A,B
#
loop_
_chem_comp.id
_chem_comp.type
_chem_comp.name
_chem_comp.formula
PO4 non-polymer 'PHOSPHATE ION' 'O4 P -3'
#
# COMPACT_ATOMS: atom_id res chain seq x y z
N MET A 1 -16.05 -11.11 21.36
CA MET A 1 -15.81 -9.71 21.03
C MET A 1 -16.35 -9.43 19.63
N ILE A 2 -16.97 -8.26 19.49
CA ILE A 2 -17.40 -7.77 18.19
C ILE A 2 -16.22 -7.13 17.43
N VAL A 3 -16.04 -7.51 16.18
CA VAL A 3 -15.04 -6.86 15.31
C VAL A 3 -15.76 -5.90 14.36
N SER A 4 -15.47 -4.61 14.50
CA SER A 4 -16.08 -3.59 13.68
C SER A 4 -15.05 -2.89 12.81
N MET A 5 -15.48 -2.36 11.66
CA MET A 5 -14.62 -1.49 10.85
C MET A 5 -15.27 -0.11 10.72
N ILE A 6 -14.47 0.94 10.74
CA ILE A 6 -15.01 2.27 10.58
C ILE A 6 -14.25 3.04 9.48
N ALA A 7 -15.01 3.68 8.60
CA ALA A 7 -14.46 4.35 7.43
C ALA A 7 -15.42 5.46 6.94
N ALA A 8 -14.83 6.38 6.19
CA ALA A 8 -15.55 7.40 5.49
C ALA A 8 -15.35 7.06 4.02
N LEU A 9 -16.46 7.04 3.27
CA LEU A 9 -16.56 6.59 1.89
C LEU A 9 -17.38 7.61 1.04
N ALA A 10 -16.86 7.97 -0.14
CA ALA A 10 -17.67 8.69 -1.14
C ALA A 10 -18.55 7.68 -1.84
N ASN A 11 -19.32 8.13 -2.83
CA ASN A 11 -20.11 7.23 -3.66
C ASN A 11 -19.24 6.11 -4.25
N ASN A 12 -19.81 4.93 -4.35
CA ASN A 12 -19.10 3.83 -4.98
C ASN A 12 -17.79 3.46 -4.29
N ARG A 13 -17.72 3.71 -2.99
CA ARG A 13 -16.71 3.09 -2.10
C ARG A 13 -15.31 3.74 -2.16
N VAL A 14 -15.20 4.84 -2.90
CA VAL A 14 -13.93 5.53 -2.96
C VAL A 14 -13.48 5.97 -1.57
N ILE A 15 -12.26 5.62 -1.18
CA ILE A 15 -11.75 6.14 0.08
C ILE A 15 -10.45 6.86 -0.07
N GLY A 16 -9.78 6.74 -1.22
CA GLY A 16 -8.51 7.43 -1.35
C GLY A 16 -8.19 7.85 -2.76
N LEU A 17 -7.42 8.91 -2.87
CA LEU A 17 -6.85 9.35 -4.13
C LEU A 17 -5.46 9.91 -3.84
N ASP A 18 -4.45 9.40 -4.58
CA ASP A 18 -3.07 9.85 -4.41
C ASP A 18 -2.65 9.87 -2.96
N ASN A 19 -2.96 8.79 -2.24
CA ASN A 19 -2.57 8.64 -0.84
C ASN A 19 -3.23 9.59 0.16
N LYS A 20 -4.42 10.11 -0.17
CA LYS A 20 -5.18 10.84 0.83
C LYS A 20 -6.69 10.73 0.55
N MET A 21 -7.50 11.11 1.52
CA MET A 21 -8.93 11.27 1.31
C MET A 21 -9.15 12.54 0.49
N PRO A 22 -9.79 12.41 -0.68
CA PRO A 22 -9.89 13.62 -1.53
C PRO A 22 -11.18 14.43 -1.29
N TRP A 23 -11.38 14.93 -0.07
CA TRP A 23 -12.56 15.73 0.25
C TRP A 23 -12.35 16.43 1.58
N HIS A 24 -13.12 17.50 1.78
CA HIS A 24 -13.21 18.19 3.07
C HIS A 24 -14.51 17.83 3.77
N LEU A 25 -14.41 17.32 4.99
CA LEU A 25 -15.59 16.99 5.79
C LEU A 25 -15.18 16.78 7.24
N PRO A 26 -14.86 17.87 7.94
CA PRO A 26 -14.37 17.85 9.32
C PRO A 26 -15.36 17.13 10.23
N ALA A 27 -16.64 17.11 9.88
CA ALA A 27 -17.63 16.36 10.65
C ALA A 27 -17.31 14.85 10.82
N GLU A 28 -16.61 14.27 9.84
CA GLU A 28 -16.27 12.84 9.91
C GLU A 28 -15.44 12.52 11.16
N LEU A 29 -14.62 13.47 11.58
CA LEU A 29 -13.77 13.26 12.72
C LEU A 29 -14.60 13.28 14.00
N GLN A 30 -15.66 14.08 14.01
CA GLN A 30 -16.59 14.07 15.16
C GLN A 30 -17.25 12.72 15.28
N LEU A 31 -17.76 12.23 14.16
CA LEU A 31 -18.41 10.92 14.12
C LEU A 31 -17.40 9.82 14.48
N PHE A 32 -16.17 9.94 13.95
CA PHE A 32 -15.13 9.01 14.29
C PHE A 32 -14.86 9.00 15.79
N LYS A 33 -14.74 10.19 16.37
CA LYS A 33 -14.48 10.31 17.81
C LYS A 33 -15.56 9.65 18.64
N ARG A 34 -16.82 9.88 18.29
CA ARG A 34 -17.92 9.35 19.09
C ARG A 34 -17.99 7.84 19.00
N ALA A 35 -17.72 7.31 17.82
CA ALA A 35 -17.80 5.88 17.58
C ALA A 35 -16.64 5.09 18.21
N THR A 36 -15.52 5.76 18.46
CA THR A 36 -14.30 5.05 18.88
C THR A 36 -13.86 5.25 20.34
N LEU A 37 -14.31 6.33 20.99
CA LEU A 37 -13.84 6.69 22.34
C LEU A 37 -14.12 5.61 23.38
N GLY A 38 -13.12 5.30 24.20
CA GLY A 38 -13.25 4.22 25.15
C GLY A 38 -13.20 2.83 24.53
N LYS A 39 -12.70 2.73 23.31
CA LYS A 39 -12.65 1.43 22.64
C LYS A 39 -11.23 1.21 22.18
N PRO A 40 -10.85 -0.06 21.99
CA PRO A 40 -9.60 -0.32 21.26
C PRO A 40 -9.77 0.03 19.77
N ILE A 41 -8.73 0.63 19.19
CA ILE A 41 -8.67 0.89 17.75
C ILE A 41 -7.46 0.19 17.17
N VAL A 42 -7.69 -0.42 16.01
CA VAL A 42 -6.70 -1.21 15.31
C VAL A 42 -6.47 -0.56 13.94
N MET A 43 -5.20 -0.27 13.62
CA MET A 43 -4.81 0.44 12.38
C MET A 43 -3.50 -0.07 11.75
N GLY A 44 -3.33 0.09 10.44
CA GLY A 44 -2.09 -0.29 9.77
C GLY A 44 -0.96 0.66 10.13
N ARG A 45 0.30 0.24 9.86
CA ARG A 45 1.49 1.08 10.09
C ARG A 45 1.36 2.44 9.41
N ASN A 46 1.00 2.43 8.13
CA ASN A 46 0.84 3.69 7.37
C ASN A 46 -0.17 4.64 8.00
N THR A 47 -1.29 4.09 8.46
CA THR A 47 -2.30 4.89 9.13
C THR A 47 -1.78 5.55 10.40
N PHE A 48 -1.09 4.79 11.24
CA PHE A 48 -0.55 5.34 12.49
C PHE A 48 0.47 6.45 12.22
N GLU A 49 1.30 6.25 11.21
CA GLU A 49 2.34 7.25 10.91
C GLU A 49 1.70 8.52 10.33
N SER A 50 0.58 8.36 9.62
CA SER A 50 -0.17 9.50 9.09
C SER A 50 -0.77 10.37 10.20
N ILE A 51 -1.27 9.70 11.23
CA ILE A 51 -1.88 10.38 12.36
C ILE A 51 -0.79 11.06 13.14
N GLY A 52 0.37 10.40 13.21
CA GLY A 52 1.54 10.94 13.88
C GLY A 52 1.55 10.85 15.39
N ARG A 53 0.62 10.09 15.97
CA ARG A 53 0.58 9.89 17.42
C ARG A 53 -0.57 8.94 17.78
N PRO A 54 -0.56 8.37 19.01
CA PRO A 54 -1.70 7.54 19.45
C PRO A 54 -2.83 8.46 19.86
N LEU A 55 -4.07 8.03 19.71
CA LEU A 55 -5.23 8.88 19.99
C LEU A 55 -5.62 8.66 21.42
N PRO A 56 -5.78 9.74 22.18
CA PRO A 56 -6.15 9.64 23.59
C PRO A 56 -7.55 9.07 23.78
N GLY A 57 -7.74 8.30 24.87
CA GLY A 57 -9.04 7.80 25.27
C GLY A 57 -9.32 6.44 24.63
N ARG A 58 -8.32 5.92 23.90
CA ARG A 58 -8.46 4.65 23.20
C ARG A 58 -7.22 3.79 23.38
N LEU A 59 -7.39 2.48 23.31
CA LEU A 59 -6.27 1.59 23.24
C LEU A 59 -5.83 1.55 21.77
N ASN A 60 -4.66 2.10 21.48
CA ASN A 60 -4.11 2.09 20.13
C ASN A 60 -3.33 0.84 19.79
N ILE A 61 -3.79 0.13 18.78
CA ILE A 61 -3.15 -1.11 18.39
C ILE A 61 -2.74 -0.95 16.94
N VAL A 62 -1.48 -1.25 16.66
CA VAL A 62 -0.96 -1.18 15.32
C VAL A 62 -0.65 -2.57 14.81
N LEU A 63 -1.18 -2.88 13.63
CA LEU A 63 -0.85 -4.12 12.92
C LEU A 63 0.44 -4.00 12.11
N SER A 64 1.33 -4.98 12.23
CA SER A 64 2.65 -4.90 11.62
C SER A 64 3.44 -6.17 11.91
N THR A 67 8.05 -6.21 14.56
CA THR A 67 9.17 -6.84 15.26
C THR A 67 10.00 -5.81 16.03
N ASP A 68 10.81 -5.06 15.29
CA ASP A 68 11.54 -3.91 15.83
C ASP A 68 10.65 -2.67 15.90
N TYR A 69 9.53 -2.67 15.18
CA TYR A 69 8.64 -1.50 15.13
C TYR A 69 8.09 -1.21 16.51
N GLN A 70 8.59 -0.13 17.09
CA GLN A 70 8.41 0.11 18.51
C GLN A 70 8.04 1.54 18.81
N PRO A 71 6.92 2.02 18.25
CA PRO A 71 6.55 3.37 18.67
C PRO A 71 6.20 3.41 20.14
N GLU A 72 6.75 4.42 20.81
CA GLU A 72 6.52 4.65 22.22
C GLU A 72 5.08 4.44 22.61
N GLY A 73 4.87 3.61 23.63
CA GLY A 73 3.53 3.45 24.20
C GLY A 73 2.43 3.24 23.17
N VAL A 74 2.56 2.17 22.40
CA VAL A 74 1.55 1.77 21.42
C VAL A 74 1.66 0.28 21.26
N THR A 75 0.54 -0.42 21.28
CA THR A 75 0.55 -1.87 21.19
C THR A 75 0.71 -2.30 19.75
N VAL A 76 1.69 -3.16 19.48
CA VAL A 76 1.88 -3.71 18.14
C VAL A 76 1.52 -5.18 18.08
N VAL A 77 0.78 -5.58 17.05
CA VAL A 77 0.42 -6.98 16.85
C VAL A 77 0.58 -7.28 15.39
N ALA A 78 0.62 -8.57 15.07
CA ALA A 78 0.91 -9.04 13.72
C ALA A 78 -0.31 -9.55 12.97
N THR A 79 -1.39 -9.82 13.72
CA THR A 79 -2.66 -10.27 13.10
C THR A 79 -3.90 -9.73 13.81
N LEU A 80 -5.06 -9.91 13.17
CA LEU A 80 -6.33 -9.46 13.71
C LEU A 80 -6.68 -10.25 14.97
N GLU A 81 -6.46 -11.57 14.91
CA GLU A 81 -6.62 -12.43 16.07
C GLU A 81 -5.75 -11.97 17.26
N ASP A 82 -4.52 -11.61 16.97
CA ASP A 82 -3.66 -11.02 17.98
C ASP A 82 -4.28 -9.73 18.51
N ALA A 83 -4.84 -8.90 17.61
CA ALA A 83 -5.49 -7.67 18.09
C ALA A 83 -6.58 -8.01 19.11
N VAL A 84 -7.40 -9.00 18.78
CA VAL A 84 -8.50 -9.42 19.64
C VAL A 84 -7.94 -9.84 21.01
N VAL A 85 -6.93 -10.70 21.02
CA VAL A 85 -6.29 -11.05 22.30
C VAL A 85 -5.76 -9.83 23.07
N ALA A 86 -5.04 -8.94 22.41
CA ALA A 86 -4.49 -7.79 23.13
C ALA A 86 -5.56 -6.86 23.73
N ALA A 87 -6.72 -6.77 23.06
CA ALA A 87 -7.82 -5.90 23.53
C ALA A 87 -8.52 -6.42 24.80
N GLY A 88 -8.33 -7.70 25.11
CA GLY A 88 -8.83 -8.20 26.38
C GLY A 88 -10.29 -8.56 26.43
N ASP A 89 -10.99 -8.11 27.46
CA ASP A 89 -12.36 -8.57 27.67
C ASP A 89 -13.44 -7.56 27.26
N VAL A 90 -13.16 -6.71 26.28
CA VAL A 90 -14.13 -5.68 25.92
C VAL A 90 -15.07 -6.20 24.87
N GLU A 91 -16.13 -5.43 24.65
CA GLU A 91 -17.23 -5.80 23.77
C GLU A 91 -16.85 -5.74 22.30
N GLU A 92 -16.04 -4.73 21.98
CA GLU A 92 -15.85 -4.30 20.60
C GLU A 92 -14.49 -3.73 20.34
N LEU A 93 -13.93 -4.19 19.22
CA LEU A 93 -12.70 -3.65 18.70
C LEU A 93 -13.03 -2.87 17.41
N MET A 94 -12.40 -1.70 17.22
CA MET A 94 -12.66 -0.83 16.07
C MET A 94 -11.49 -0.76 15.07
N ILE A 95 -11.72 -1.30 13.89
CA ILE A 95 -10.69 -1.30 12.89
C ILE A 95 -10.77 0.02 12.14
N ILE A 96 -9.69 0.83 12.18
CA ILE A 96 -9.76 2.16 11.57
C ILE A 96 -9.05 2.37 10.22
N GLY A 97 -8.67 1.30 9.53
CA GLY A 97 -7.93 1.43 8.26
C GLY A 97 -6.42 1.18 8.37
N GLY A 98 -5.66 1.29 7.27
CA GLY A 98 -6.13 1.75 5.98
C GLY A 98 -6.71 0.69 5.08
N ALA A 99 -6.59 0.89 3.77
CA ALA A 99 -7.30 0.04 2.79
C ALA A 99 -6.91 -1.42 2.89
N THR A 100 -5.59 -1.66 3.02
CA THR A 100 -5.11 -3.05 3.17
C THR A 100 -5.77 -3.73 4.37
N ILE A 101 -5.83 -3.04 5.50
CA ILE A 101 -6.42 -3.60 6.70
C ILE A 101 -7.87 -3.89 6.51
N TYR A 102 -8.62 -2.90 6.03
CA TYR A 102 -10.03 -3.10 5.65
C TYR A 102 -10.22 -4.37 4.79
N ASN A 103 -9.43 -4.51 3.73
CA ASN A 103 -9.56 -5.66 2.80
C ASN A 103 -9.38 -7.01 3.49
N GLN A 104 -8.31 -7.09 4.30
CA GLN A 104 -7.96 -8.30 5.04
C GLN A 104 -8.94 -8.65 6.15
N CYS A 105 -9.61 -7.66 6.70
CA CYS A 105 -10.45 -7.94 7.86
C CYS A 105 -11.94 -8.04 7.54
N LEU A 106 -12.36 -7.59 6.34
CA LEU A 106 -13.80 -7.52 6.03
C LEU A 106 -14.51 -8.82 6.38
N ALA A 107 -13.96 -9.94 5.92
CA ALA A 107 -14.54 -11.25 6.14
C ALA A 107 -14.79 -11.60 7.62
N ALA A 108 -14.03 -10.97 8.52
CA ALA A 108 -14.19 -11.19 9.96
C ALA A 108 -15.03 -10.11 10.63
N ALA A 109 -15.50 -9.10 9.88
CA ALA A 109 -16.24 -8.00 10.49
C ALA A 109 -17.71 -8.27 10.84
N ASP A 110 -18.08 -8.02 12.10
CA ASP A 110 -19.48 -8.10 12.50
C ASP A 110 -20.27 -6.85 12.13
N ARG A 111 -19.59 -5.69 12.12
CA ARG A 111 -20.23 -4.40 11.94
C ARG A 111 -19.39 -3.51 11.05
N LEU A 112 -20.07 -2.68 10.27
CA LEU A 112 -19.40 -1.57 9.57
C LEU A 112 -20.02 -0.23 9.96
N TYR A 113 -19.16 0.70 10.33
CA TYR A 113 -19.55 2.03 10.70
C TYR A 113 -19.11 2.91 9.53
N LEU A 114 -20.08 3.31 8.70
CA LEU A 114 -19.79 3.99 7.43
C LEU A 114 -20.41 5.39 7.31
N THR A 115 -19.55 6.37 7.13
CA THR A 115 -19.99 7.70 6.81
C THR A 115 -20.00 7.83 5.29
N HIS A 116 -21.17 7.72 4.68
CA HIS A 116 -21.31 7.86 3.24
C HIS A 116 -21.35 9.37 2.93
N ILE A 117 -20.29 9.89 2.31
CA ILE A 117 -20.28 11.27 1.81
C ILE A 117 -20.87 11.34 0.38
N GLU A 118 -21.87 12.19 0.21
CA GLU A 118 -22.63 12.28 -1.05
C GLU A 118 -21.81 13.06 -2.08
N LEU A 119 -20.97 12.31 -2.79
CA LEU A 119 -19.87 12.86 -3.56
C LEU A 119 -19.39 11.83 -4.57
N THR A 120 -19.32 12.24 -5.83
CA THR A 120 -18.67 11.47 -6.87
C THR A 120 -17.27 12.03 -7.12
N THR A 121 -16.25 11.20 -6.92
CA THR A 121 -14.86 11.63 -7.05
C THR A 121 -14.01 10.61 -7.84
N GLU A 122 -12.95 11.09 -8.46
CA GLU A 122 -11.87 10.24 -8.94
C GLU A 122 -11.29 9.51 -7.71
N GLY A 123 -10.84 8.26 -7.91
CA GLY A 123 -10.20 7.52 -6.85
C GLY A 123 -9.29 6.43 -7.37
N ASP A 124 -8.34 6.00 -6.53
CA ASP A 124 -7.47 4.87 -6.84
C ASP A 124 -7.43 3.86 -5.68
N THR A 125 -8.28 4.08 -4.67
CA THR A 125 -8.37 3.17 -3.55
C THR A 125 -9.81 3.13 -3.03
N TRP A 126 -10.30 1.91 -2.80
CA TRP A 126 -11.66 1.69 -2.42
C TRP A 126 -11.78 0.94 -1.09
N PHE A 127 -12.79 1.25 -0.30
CA PHE A 127 -13.29 0.34 0.72
C PHE A 127 -13.70 -0.96 0.01
N PRO A 128 -13.41 -2.13 0.62
CA PRO A 128 -13.74 -3.47 0.08
C PRO A 128 -15.23 -3.59 -0.25
N ASP A 129 -15.56 -4.41 -1.23
CA ASP A 129 -16.95 -4.54 -1.69
C ASP A 129 -17.70 -5.39 -0.66
N TYR A 130 -18.34 -4.77 0.33
CA TYR A 130 -19.06 -5.49 1.38
C TYR A 130 -20.44 -5.99 0.94
N GLU A 131 -20.92 -5.51 -0.19
CA GLU A 131 -22.15 -5.96 -0.82
C GLU A 131 -22.14 -7.46 -1.17
N GLN A 132 -20.96 -8.07 -1.14
CA GLN A 132 -20.87 -9.49 -1.35
C GLN A 132 -21.43 -10.26 -0.15
N TYR A 133 -21.65 -9.58 0.99
CA TYR A 133 -22.21 -10.23 2.18
C TYR A 133 -23.57 -9.63 2.53
N ASN A 134 -24.25 -10.23 3.49
CA ASN A 134 -25.58 -9.78 3.90
C ASN A 134 -25.54 -8.93 5.17
N TRP A 135 -26.21 -7.78 5.13
CA TRP A 135 -26.16 -6.81 6.25
C TRP A 135 -27.54 -6.24 6.62
N GLN A 136 -27.78 -5.99 7.90
CA GLN A 136 -28.89 -5.14 8.33
C GLN A 136 -28.37 -3.79 8.83
N GLU A 137 -29.16 -2.75 8.60
CA GLU A 137 -28.83 -1.45 9.15
C GLU A 137 -29.45 -1.32 10.54
N ILE A 138 -28.60 -1.13 11.53
CA ILE A 138 -29.00 -0.93 12.91
C ILE A 138 -29.44 0.53 13.10
N GLU A 139 -28.76 1.43 12.38
CA GLU A 139 -29.07 2.84 12.53
C GLU A 139 -28.48 3.67 11.41
N HIS A 140 -29.06 4.86 11.25
CA HIS A 140 -28.46 5.87 10.37
C HIS A 140 -28.78 7.27 10.84
N GLU A 141 -27.91 8.20 10.48
CA GLU A 141 -28.09 9.62 10.79
C GLU A 141 -27.71 10.38 9.49
N SER A 142 -28.63 11.19 8.97
CA SER A 142 -28.36 12.02 7.80
C SER A 142 -28.01 13.44 8.17
N TYR A 143 -26.99 14.00 7.54
CA TYR A 143 -26.57 15.36 7.84
C TYR A 143 -26.55 16.25 6.61
N ALA A 144 -27.02 17.49 6.76
CA ALA A 144 -26.98 18.47 5.68
C ALA A 144 -25.62 19.13 5.63
N ALA A 145 -25.16 19.43 4.42
CA ALA A 145 -23.96 20.20 4.24
C ALA A 145 -24.07 21.51 5.02
N ASP A 146 -22.96 22.06 5.44
CA ASP A 146 -23.06 23.32 6.15
C ASP A 146 -21.84 24.17 5.86
N ASP A 147 -21.54 25.06 6.79
CA ASP A 147 -20.49 26.06 6.57
C ASP A 147 -19.11 25.44 6.50
N LYS A 148 -18.95 24.30 7.16
CA LYS A 148 -17.65 23.66 7.24
C LYS A 148 -17.62 22.35 6.46
N ASN A 149 -18.81 21.77 6.23
CA ASN A 149 -18.93 20.50 5.53
C ASN A 149 -19.69 20.62 4.22
N PRO A 150 -18.96 20.78 3.11
CA PRO A 150 -19.55 21.15 1.81
C PRO A 150 -20.37 20.05 1.15
N HIS A 151 -20.55 18.89 1.78
CA HIS A 151 -21.31 17.81 1.21
C HIS A 151 -22.38 17.40 2.20
N ASN A 152 -23.48 16.85 1.70
CA ASN A 152 -24.37 16.07 2.54
C ASN A 152 -23.65 14.75 2.85
N TYR A 153 -23.96 14.16 4.00
CA TYR A 153 -23.39 12.86 4.36
C TYR A 153 -24.39 12.14 5.26
N ARG A 154 -24.31 10.81 5.20
CA ARG A 154 -25.10 9.93 6.02
C ARG A 154 -24.23 8.85 6.75
N PHE A 155 -24.34 8.82 8.07
CA PHE A 155 -23.72 7.77 8.87
C PHE A 155 -24.62 6.58 8.92
N SER A 156 -24.02 5.40 8.75
CA SER A 156 -24.75 4.15 8.77
C SER A 156 -23.95 3.07 9.54
N LEU A 157 -24.65 2.34 10.40
CA LEU A 157 -24.10 1.19 11.11
C LEU A 157 -24.78 -0.06 10.57
N LEU A 158 -24.03 -0.83 9.80
CA LEU A 158 -24.44 -2.14 9.32
C LEU A 158 -24.02 -3.31 10.25
N GLU A 159 -24.91 -4.27 10.40
CA GLU A 159 -24.58 -5.49 11.14
C GLU A 159 -24.71 -6.69 10.21
N ARG A 160 -23.76 -7.59 10.30
CA ARG A 160 -23.74 -8.78 9.45
C ARG A 160 -24.89 -9.73 9.82
N VAL A 161 -25.49 -10.36 8.82
CA VAL A 161 -26.65 -11.24 9.05
C VAL A 161 -26.35 -12.72 8.79
N MET B 1 8.23 -11.47 -25.59
CA MET B 1 8.23 -10.33 -24.67
C MET B 1 9.49 -10.38 -23.83
N ILE B 2 10.09 -9.22 -23.62
CA ILE B 2 11.27 -9.00 -22.75
C ILE B 2 10.81 -8.89 -21.28
N VAL B 3 11.42 -9.69 -20.40
CA VAL B 3 11.23 -9.56 -18.95
C VAL B 3 12.35 -8.73 -18.30
N SER B 4 11.98 -7.55 -17.78
CA SER B 4 12.97 -6.69 -17.13
C SER B 4 12.72 -6.52 -15.64
N MET B 5 13.78 -6.15 -14.91
CA MET B 5 13.59 -5.78 -13.49
C MET B 5 14.21 -4.41 -13.27
N ILE B 6 13.62 -3.62 -12.37
CA ILE B 6 14.15 -2.31 -12.06
C ILE B 6 14.20 -2.13 -10.55
N ALA B 7 15.28 -1.51 -10.08
CA ALA B 7 15.54 -1.37 -8.66
C ALA B 7 16.52 -0.23 -8.39
N ALA B 8 16.48 0.27 -7.17
CA ALA B 8 17.47 1.21 -6.71
C ALA B 8 18.24 0.53 -5.57
N LEU B 9 19.57 0.48 -5.70
CA LEU B 9 20.38 -0.12 -4.65
C LEU B 9 21.48 0.77 -4.18
N ALA B 10 21.74 0.68 -2.90
CA ALA B 10 22.90 1.35 -2.32
C ALA B 10 24.11 0.42 -2.41
N ASN B 11 25.23 0.84 -1.79
CA ASN B 11 26.41 -0.03 -1.73
C ASN B 11 26.04 -1.39 -1.15
N ASN B 12 26.77 -2.42 -1.56
CA ASN B 12 26.54 -3.76 -1.08
C ASN B 12 25.10 -4.27 -1.33
N ARG B 13 24.47 -3.71 -2.37
CA ARG B 13 23.21 -4.22 -2.91
C ARG B 13 22.04 -4.08 -1.94
N VAL B 14 22.20 -3.21 -0.95
CA VAL B 14 21.15 -2.94 0.03
C VAL B 14 19.97 -2.29 -0.67
N ILE B 15 18.76 -2.83 -0.47
CA ILE B 15 17.56 -2.21 -1.03
C ILE B 15 16.51 -1.83 0.04
N GLY B 16 16.68 -2.32 1.26
CA GLY B 16 15.69 -2.03 2.28
C GLY B 16 16.19 -2.09 3.71
N LEU B 17 15.40 -1.46 4.58
CA LEU B 17 15.59 -1.47 6.03
C LEU B 17 14.24 -1.11 6.64
N ASP B 18 13.74 -1.93 7.56
CA ASP B 18 12.48 -1.62 8.23
C ASP B 18 11.36 -1.39 7.22
N ASN B 19 11.41 -2.14 6.12
CA ASN B 19 10.40 -2.02 5.08
C ASN B 19 10.34 -0.64 4.40
N LYS B 20 11.45 0.11 4.52
CA LYS B 20 11.66 1.35 3.75
C LYS B 20 13.01 1.31 2.98
N MET B 21 13.15 2.12 1.93
CA MET B 21 14.49 2.37 1.34
C MET B 21 15.22 3.40 2.20
N PRO B 22 16.39 3.04 2.75
CA PRO B 22 17.00 3.93 3.73
C PRO B 22 17.74 5.11 3.05
N TRP B 23 17.02 5.92 2.30
CA TRP B 23 17.61 7.10 1.72
C TRP B 23 16.51 7.96 1.20
N HIS B 24 16.86 9.21 0.99
CA HIS B 24 16.04 10.13 0.29
C HIS B 24 16.70 10.36 -1.07
N LEU B 25 15.95 10.16 -2.13
CA LEU B 25 16.46 10.34 -3.49
C LEU B 25 15.28 10.41 -4.43
N PRO B 26 14.54 11.51 -4.38
CA PRO B 26 13.34 11.66 -5.21
C PRO B 26 13.63 11.49 -6.72
N ALA B 27 14.89 11.69 -7.14
CA ALA B 27 15.25 11.51 -8.55
C ALA B 27 15.02 10.06 -8.98
N GLU B 28 15.16 9.13 -8.05
CA GLU B 28 14.92 7.74 -8.39
C GLU B 28 13.52 7.61 -8.95
N LEU B 29 12.58 8.46 -8.50
CA LEU B 29 11.18 8.33 -8.96
C LEU B 29 11.00 8.85 -10.40
N GLN B 30 11.73 9.90 -10.73
CA GLN B 30 11.75 10.33 -12.14
C GLN B 30 12.33 9.25 -13.07
N LEU B 31 13.42 8.60 -12.64
CA LEU B 31 14.01 7.49 -13.43
C LEU B 31 13.02 6.34 -13.53
N PHE B 32 12.40 6.01 -12.41
CA PHE B 32 11.42 4.94 -12.37
C PHE B 32 10.29 5.24 -13.34
N LYS B 33 9.74 6.45 -13.25
CA LYS B 33 8.64 6.85 -14.11
C LYS B 33 9.05 6.79 -15.58
N ARG B 34 10.24 7.29 -15.89
CA ARG B 34 10.66 7.31 -17.28
C ARG B 34 10.76 5.88 -17.83
N ALA B 35 11.17 4.96 -16.98
CA ALA B 35 11.46 3.61 -17.42
C ALA B 35 10.22 2.72 -17.41
N THR B 36 9.16 3.13 -16.70
CA THR B 36 7.95 2.30 -16.57
C THR B 36 6.70 2.86 -17.28
N LEU B 37 6.68 4.16 -17.56
CA LEU B 37 5.52 4.81 -18.23
C LEU B 37 5.13 4.08 -19.50
N GLY B 38 3.86 3.67 -19.57
CA GLY B 38 3.36 3.00 -20.77
C GLY B 38 3.65 1.51 -20.80
N LYS B 39 4.12 0.96 -19.67
CA LYS B 39 4.47 -0.47 -19.60
C LYS B 39 3.64 -1.18 -18.53
N PRO B 40 3.50 -2.50 -18.66
CA PRO B 40 3.03 -3.23 -17.49
C PRO B 40 4.15 -3.22 -16.42
N ILE B 41 3.74 -3.00 -15.16
CA ILE B 41 4.62 -3.22 -14.02
C ILE B 41 4.06 -4.36 -13.16
N VAL B 42 4.96 -5.18 -12.65
CA VAL B 42 4.60 -6.40 -11.96
C VAL B 42 5.27 -6.27 -10.59
N MET B 43 4.49 -6.48 -9.54
CA MET B 43 4.98 -6.28 -8.19
C MET B 43 4.40 -7.30 -7.22
N GLY B 44 5.10 -7.52 -6.11
CA GLY B 44 4.57 -8.32 -5.02
C GLY B 44 3.53 -7.52 -4.23
N ARG B 45 2.75 -8.22 -3.44
CA ARG B 45 1.71 -7.57 -2.65
C ARG B 45 2.28 -6.52 -1.67
N ASN B 46 3.42 -6.82 -1.06
CA ASN B 46 4.02 -5.91 -0.09
C ASN B 46 4.39 -4.63 -0.81
N THR B 47 4.96 -4.76 -1.99
CA THR B 47 5.31 -3.58 -2.76
C THR B 47 4.07 -2.78 -3.17
N PHE B 48 3.01 -3.49 -3.59
CA PHE B 48 1.79 -2.78 -4.00
C PHE B 48 1.23 -2.02 -2.79
N GLU B 49 1.23 -2.68 -1.64
CA GLU B 49 0.78 -2.04 -0.40
C GLU B 49 1.63 -0.79 -0.06
N SER B 50 2.95 -0.84 -0.33
CA SER B 50 3.80 0.30 -0.03
C SER B 50 3.48 1.49 -0.89
N ILE B 51 3.27 1.27 -2.19
CA ILE B 51 2.98 2.37 -3.10
C ILE B 51 1.60 2.96 -2.75
N GLY B 52 0.69 2.06 -2.35
CA GLY B 52 -0.63 2.45 -1.89
C GLY B 52 -1.71 2.67 -2.93
N ARG B 53 -1.50 2.20 -4.16
CA ARG B 53 -2.41 2.53 -5.26
C ARG B 53 -1.80 2.11 -6.58
N PRO B 54 -2.65 1.81 -7.57
CA PRO B 54 -2.14 1.58 -8.93
C PRO B 54 -1.50 2.87 -9.46
N LEU B 55 -0.43 2.79 -10.24
CA LEU B 55 0.19 4.01 -10.77
C LEU B 55 -0.46 4.32 -12.12
N PRO B 56 -0.76 5.61 -12.38
CA PRO B 56 -1.43 5.98 -13.63
C PRO B 56 -0.52 5.77 -14.84
N GLY B 57 -1.11 5.44 -15.98
CA GLY B 57 -0.35 5.28 -17.22
C GLY B 57 0.51 4.01 -17.26
N ARG B 58 0.28 3.09 -16.31
CA ARG B 58 0.90 1.77 -16.37
C ARG B 58 -0.15 0.69 -16.20
N LEU B 59 0.08 -0.50 -16.77
CA LEU B 59 -0.74 -1.64 -16.41
C LEU B 59 -0.17 -2.22 -15.11
N ASN B 60 -0.95 -2.11 -14.03
CA ASN B 60 -0.52 -2.56 -12.71
C ASN B 60 -0.87 -4.03 -12.41
N ILE B 61 0.18 -4.85 -12.25
CA ILE B 61 0.00 -6.27 -12.06
C ILE B 61 0.55 -6.65 -10.69
N VAL B 62 -0.27 -7.27 -9.86
CA VAL B 62 0.25 -7.80 -8.62
C VAL B 62 0.39 -9.30 -8.68
N LEU B 63 1.61 -9.76 -8.35
CA LEU B 63 1.94 -11.17 -8.36
C LEU B 63 1.80 -11.70 -6.94
N SER B 64 0.83 -12.57 -6.75
CA SER B 64 0.50 -13.04 -5.43
C SER B 64 0.09 -14.52 -5.52
N ARG B 65 0.62 -15.34 -4.63
CA ARG B 65 0.15 -16.73 -4.60
C ARG B 65 -0.93 -16.88 -3.54
N GLN B 66 -1.29 -15.76 -2.90
CA GLN B 66 -2.18 -15.74 -1.73
C GLN B 66 -3.62 -15.27 -1.95
N ASP B 68 -7.84 -14.98 -1.66
CA ASP B 68 -8.32 -14.17 -2.76
C ASP B 68 -7.85 -12.74 -2.63
N TYR B 69 -6.60 -12.49 -2.98
CA TYR B 69 -6.13 -11.13 -3.13
C TYR B 69 -6.88 -10.48 -4.30
N GLN B 70 -7.75 -9.52 -4.01
CA GLN B 70 -8.53 -8.88 -5.08
C GLN B 70 -8.78 -7.38 -4.88
N PRO B 71 -7.75 -6.61 -4.51
CA PRO B 71 -7.97 -5.17 -4.39
C PRO B 71 -8.44 -4.56 -5.72
N GLU B 72 -9.35 -3.60 -5.67
CA GLU B 72 -9.82 -2.95 -6.89
C GLU B 72 -8.73 -2.10 -7.56
N GLY B 73 -8.79 -2.01 -8.88
CA GLY B 73 -7.83 -1.23 -9.63
C GLY B 73 -6.59 -1.98 -10.12
N VAL B 74 -6.43 -3.27 -9.81
CA VAL B 74 -5.21 -3.96 -10.18
C VAL B 74 -5.47 -5.34 -10.70
N THR B 75 -4.58 -5.77 -11.59
CA THR B 75 -4.58 -7.09 -12.15
C THR B 75 -3.79 -8.02 -11.24
N VAL B 76 -4.38 -9.13 -10.88
CA VAL B 76 -3.73 -10.10 -10.01
C VAL B 76 -3.45 -11.40 -10.74
N VAL B 77 -2.25 -11.96 -10.54
CA VAL B 77 -1.84 -13.18 -11.22
C VAL B 77 -1.02 -13.99 -10.21
N ALA B 78 -0.93 -15.30 -10.44
CA ALA B 78 -0.17 -16.20 -9.55
C ALA B 78 1.26 -16.47 -10.01
N THR B 79 1.58 -16.21 -11.28
CA THR B 79 2.94 -16.51 -11.72
C THR B 79 3.43 -15.44 -12.68
N LEU B 80 4.72 -15.46 -12.94
CA LEU B 80 5.35 -14.61 -13.95
C LEU B 80 4.77 -14.86 -15.34
N GLU B 81 4.63 -16.14 -15.70
CA GLU B 81 4.04 -16.51 -16.97
C GLU B 81 2.63 -15.91 -17.09
N ASP B 82 1.84 -15.93 -16.00
CA ASP B 82 0.52 -15.32 -16.06
C ASP B 82 0.66 -13.83 -16.32
N ALA B 83 1.60 -13.19 -15.63
CA ALA B 83 1.85 -11.77 -15.86
C ALA B 83 2.18 -11.49 -17.34
N VAL B 84 2.99 -12.37 -17.96
CA VAL B 84 3.31 -12.22 -19.39
C VAL B 84 2.02 -12.23 -20.24
N VAL B 85 1.15 -13.21 -20.04
CA VAL B 85 -0.14 -13.26 -20.75
C VAL B 85 -1.05 -12.02 -20.51
N ALA B 86 -1.16 -11.59 -19.26
CA ALA B 86 -1.93 -10.40 -18.89
C ALA B 86 -1.42 -9.15 -19.57
N ALA B 87 -0.11 -9.07 -19.76
CA ALA B 87 0.51 -7.90 -20.40
C ALA B 87 0.17 -7.83 -21.86
N GLY B 88 -0.19 -8.98 -22.44
CA GLY B 88 -0.57 -9.09 -23.84
C GLY B 88 0.55 -8.82 -24.85
N ASP B 89 0.26 -8.01 -25.84
CA ASP B 89 1.19 -7.86 -26.97
C ASP B 89 2.05 -6.61 -26.83
N VAL B 90 2.90 -6.60 -25.80
CA VAL B 90 3.81 -5.50 -25.61
C VAL B 90 5.25 -6.02 -25.60
N GLU B 91 6.19 -5.11 -25.79
CA GLU B 91 7.59 -5.48 -25.97
C GLU B 91 8.20 -6.02 -24.69
N GLU B 92 7.77 -5.46 -23.56
CA GLU B 92 8.52 -5.56 -22.30
C GLU B 92 7.62 -5.41 -21.09
N LEU B 93 7.89 -6.19 -20.07
CA LEU B 93 7.27 -5.92 -18.79
C LEU B 93 8.36 -5.68 -17.75
N MET B 94 8.02 -4.81 -16.79
CA MET B 94 8.93 -4.30 -15.80
C MET B 94 8.57 -4.87 -14.43
N ILE B 95 9.46 -5.66 -13.85
CA ILE B 95 9.27 -6.14 -12.48
C ILE B 95 9.85 -5.12 -11.51
N ILE B 96 9.05 -4.66 -10.56
CA ILE B 96 9.49 -3.55 -9.72
C ILE B 96 9.74 -3.92 -8.25
N GLY B 97 9.84 -5.22 -7.92
CA GLY B 97 10.05 -5.63 -6.53
C GLY B 97 8.84 -6.39 -5.94
N GLY B 98 8.95 -6.90 -4.70
CA GLY B 98 10.07 -6.62 -3.82
C GLY B 98 11.20 -7.64 -3.89
N ALA B 99 11.98 -7.73 -2.82
CA ALA B 99 13.15 -8.61 -2.75
C ALA B 99 12.90 -10.05 -3.11
N THR B 100 11.83 -10.62 -2.55
CA THR B 100 11.37 -11.97 -2.89
C THR B 100 11.09 -12.20 -4.39
N ILE B 101 10.34 -11.29 -5.00
CA ILE B 101 10.11 -11.36 -6.43
C ILE B 101 11.40 -11.24 -7.26
N TYR B 102 12.22 -10.25 -6.92
CA TYR B 102 13.52 -10.08 -7.57
C TYR B 102 14.33 -11.38 -7.56
N ASN B 103 14.40 -12.02 -6.39
CA ASN B 103 15.12 -13.31 -6.25
C ASN B 103 14.55 -14.43 -7.10
N GLN B 104 13.23 -14.53 -7.15
CA GLN B 104 12.56 -15.58 -7.87
C GLN B 104 12.59 -15.34 -9.38
N CYS B 105 12.66 -14.08 -9.79
CA CYS B 105 12.57 -13.76 -11.22
C CYS B 105 13.91 -13.49 -11.90
N LEU B 106 14.98 -13.31 -11.13
CA LEU B 106 16.29 -12.95 -11.71
C LEU B 106 16.75 -13.88 -12.86
N ALA B 107 16.56 -15.17 -12.68
CA ALA B 107 17.03 -16.17 -13.63
C ALA B 107 16.24 -16.09 -14.93
N ALA B 108 15.07 -15.44 -14.87
CA ALA B 108 14.24 -15.21 -16.06
C ALA B 108 14.39 -13.81 -16.67
N ALA B 109 15.24 -12.96 -16.09
CA ALA B 109 15.30 -11.57 -16.54
C ALA B 109 16.25 -11.36 -17.73
N ASP B 110 15.75 -10.73 -18.80
CA ASP B 110 16.54 -10.24 -19.92
C ASP B 110 17.30 -8.92 -19.66
N ARG B 111 16.71 -8.05 -18.82
CA ARG B 111 17.24 -6.74 -18.52
C ARG B 111 17.13 -6.37 -17.04
N LEU B 112 18.14 -5.62 -16.56
CA LEU B 112 18.11 -4.99 -15.26
C LEU B 112 18.25 -3.45 -15.43
N TYR B 113 17.31 -2.70 -14.87
CA TYR B 113 17.40 -1.24 -14.89
C TYR B 113 17.83 -0.92 -13.46
N LEU B 114 19.10 -0.57 -13.30
CA LEU B 114 19.65 -0.44 -11.96
C LEU B 114 20.02 1.01 -11.68
N THR B 115 19.49 1.54 -10.59
CA THR B 115 19.99 2.83 -10.11
C THR B 115 20.92 2.56 -8.91
N HIS B 116 22.21 2.78 -9.12
CA HIS B 116 23.22 2.58 -8.09
C HIS B 116 23.41 3.87 -7.26
N ILE B 117 23.08 3.84 -5.99
CA ILE B 117 23.23 5.01 -5.12
C ILE B 117 24.56 4.91 -4.35
N GLU B 118 25.39 5.95 -4.45
CA GLU B 118 26.69 5.99 -3.79
C GLU B 118 26.48 6.30 -2.30
N LEU B 119 26.26 5.24 -1.53
CA LEU B 119 25.81 5.35 -0.16
C LEU B 119 26.08 4.03 0.55
N THR B 120 26.84 4.08 1.63
CA THR B 120 27.04 2.88 2.44
C THR B 120 26.10 2.99 3.60
N THR B 121 25.10 2.12 3.62
CA THR B 121 24.07 2.21 4.64
C THR B 121 23.72 0.85 5.21
N GLU B 122 22.98 0.86 6.30
CA GLU B 122 22.57 -0.38 6.91
C GLU B 122 21.41 -0.96 6.11
N GLY B 123 21.31 -2.28 6.06
CA GLY B 123 20.18 -2.87 5.35
C GLY B 123 19.70 -4.16 5.98
N ASP B 124 18.44 -4.49 5.74
CA ASP B 124 17.90 -5.79 6.12
C ASP B 124 17.35 -6.61 4.93
N THR B 125 17.33 -5.96 3.77
CA THR B 125 16.86 -6.55 2.53
C THR B 125 17.85 -6.19 1.38
N TRP B 126 18.23 -7.18 0.58
CA TRP B 126 19.19 -7.00 -0.54
C TRP B 126 18.67 -7.43 -1.92
N PHE B 127 19.07 -6.71 -2.96
CA PHE B 127 18.96 -7.21 -4.31
C PHE B 127 19.79 -8.50 -4.45
N PRO B 128 19.30 -9.45 -5.26
CA PRO B 128 20.07 -10.67 -5.54
C PRO B 128 21.42 -10.34 -6.18
N ASP B 129 22.37 -11.24 -5.97
CA ASP B 129 23.73 -11.10 -6.46
C ASP B 129 23.67 -11.37 -7.99
N TYR B 130 23.31 -10.35 -8.78
CA TYR B 130 23.10 -10.53 -10.23
C TYR B 130 24.43 -10.77 -10.95
N GLU B 131 25.55 -10.39 -10.34
CA GLU B 131 26.88 -10.70 -10.90
C GLU B 131 27.29 -12.17 -10.89
N GLN B 132 26.41 -13.04 -10.39
CA GLN B 132 26.52 -14.47 -10.62
C GLN B 132 26.14 -14.81 -12.07
N TYR B 133 25.56 -13.84 -12.81
CA TYR B 133 25.20 -13.99 -14.23
C TYR B 133 26.00 -12.95 -14.96
N ASN B 134 25.99 -13.04 -16.30
CA ASN B 134 26.77 -12.13 -17.14
C ASN B 134 25.92 -11.23 -17.97
N TRP B 135 26.37 -10.00 -18.14
CA TRP B 135 25.54 -8.95 -18.67
C TRP B 135 26.32 -8.12 -19.69
N GLN B 136 25.60 -7.54 -20.63
CA GLN B 136 26.18 -6.47 -21.41
C GLN B 136 25.47 -5.19 -21.04
N GLU B 137 26.25 -4.15 -20.79
CA GLU B 137 25.70 -2.83 -20.48
C GLU B 137 25.25 -2.14 -21.76
N ILE B 138 23.98 -1.80 -21.86
CA ILE B 138 23.47 -1.04 -23.00
C ILE B 138 23.78 0.46 -22.86
N GLU B 139 23.60 0.96 -21.66
CA GLU B 139 23.80 2.38 -21.37
C GLU B 139 24.03 2.60 -19.88
N HIS B 140 24.64 3.75 -19.56
CA HIS B 140 24.69 4.23 -18.21
C HIS B 140 24.65 5.76 -18.23
N GLU B 141 24.14 6.33 -17.15
CA GLU B 141 24.21 7.78 -16.96
C GLU B 141 24.52 8.04 -15.51
N SER B 142 25.60 8.77 -15.28
CA SER B 142 25.92 9.24 -13.95
C SER B 142 25.25 10.57 -13.61
N TYR B 143 24.85 10.72 -12.34
CA TYR B 143 24.13 11.89 -11.87
C TYR B 143 24.79 12.44 -10.62
N ALA B 144 25.01 13.75 -10.56
CA ALA B 144 25.51 14.38 -9.33
C ALA B 144 24.36 14.64 -8.35
N ALA B 145 24.68 14.58 -7.06
CA ALA B 145 23.75 15.01 -6.04
C ALA B 145 23.30 16.45 -6.36
N ASP B 146 22.15 16.81 -5.82
CA ASP B 146 21.64 18.19 -5.89
C ASP B 146 20.85 18.49 -4.60
N ASP B 147 20.19 19.65 -4.56
CA ASP B 147 19.62 20.14 -3.30
C ASP B 147 18.52 19.22 -2.76
N LYS B 148 17.79 18.57 -3.67
CA LYS B 148 16.78 17.58 -3.31
C LYS B 148 17.31 16.13 -3.20
N ASN B 149 18.45 15.86 -3.82
CA ASN B 149 19.01 14.50 -3.82
C ASN B 149 20.42 14.40 -3.22
N PRO B 150 20.50 14.10 -1.93
CA PRO B 150 21.77 14.19 -1.16
C PRO B 150 22.74 13.03 -1.37
N HIS B 151 22.68 12.36 -2.52
CA HIS B 151 23.63 11.30 -2.83
C HIS B 151 23.91 11.33 -4.33
N ASN B 152 25.13 11.02 -4.73
CA ASN B 152 25.43 10.80 -6.15
C ASN B 152 24.84 9.43 -6.53
N TYR B 153 24.41 9.28 -7.79
CA TYR B 153 23.81 8.03 -8.24
C TYR B 153 24.11 7.78 -9.73
N ARG B 154 24.03 6.51 -10.15
CA ARG B 154 24.35 6.15 -11.54
C ARG B 154 23.30 5.17 -12.03
N PHE B 155 22.66 5.48 -13.15
CA PHE B 155 21.75 4.53 -13.76
C PHE B 155 22.50 3.66 -14.75
N SER B 156 22.18 2.37 -14.75
CA SER B 156 22.78 1.41 -15.66
C SER B 156 21.68 0.47 -16.19
N LEU B 157 21.67 0.27 -17.50
CA LEU B 157 20.77 -0.69 -18.11
C LEU B 157 21.57 -1.89 -18.58
N LEU B 158 21.32 -3.04 -17.96
CA LEU B 158 22.02 -4.30 -18.32
C LEU B 158 21.17 -5.30 -19.10
N GLU B 159 21.76 -5.94 -20.08
CA GLU B 159 21.10 -7.01 -20.81
C GLU B 159 21.84 -8.35 -20.57
N ARG B 160 21.06 -9.40 -20.35
CA ARG B 160 21.62 -10.71 -20.09
C ARG B 160 22.33 -11.24 -21.34
N VAL B 161 23.56 -11.73 -21.15
CA VAL B 161 24.32 -12.42 -22.21
C VAL B 161 23.57 -13.69 -22.60
N LYS B 162 23.22 -13.82 -23.88
CA LYS B 162 22.46 -14.99 -24.34
C LYS B 162 22.74 -15.33 -25.80
P PO4 C . -2.16 1.05 6.31
O1 PO4 C . -2.65 1.74 7.55
O2 PO4 C . -2.33 2.03 5.17
O3 PO4 C . -0.70 0.67 6.52
O4 PO4 C . -3.00 -0.16 5.95
P PO4 D . 6.99 -8.25 -2.10
O1 PO4 D . 5.73 -8.93 -1.58
O2 PO4 D . 6.60 -7.00 -2.85
O3 PO4 D . 7.85 -7.86 -0.91
O4 PO4 D . 7.80 -9.23 -2.92
P PO4 E . 30.00 -9.33 -17.61
O1 PO4 E . 28.84 -9.45 -16.62
O2 PO4 E . 30.45 -7.89 -17.69
O3 PO4 E . 31.12 -10.24 -17.16
O4 PO4 E . 29.54 -9.72 -18.99
#